data_6ZW2
#
_entry.id   6ZW2
#
_cell.length_a   49.715
_cell.length_b   93.744
_cell.length_c   126.359
_cell.angle_alpha   90.000
_cell.angle_beta   90.000
_cell.angle_gamma   90.000
#
_symmetry.space_group_name_H-M   'P 21 21 21'
#
loop_
_entity.id
_entity.type
_entity.pdbx_description
1 polymer Beta-lactamase
2 non-polymer 1,2-ETHANEDIOL
3 non-polymer '(2S,3R)-2-[(2S,3R)-1,3-bis(oxidanyl)-1-oxidanylidene-butan-2-yl]-4-[(3S,5S)-5-(dimethylcarbamoyl)pyrrolidin-3-yl]sulfan yl-3-methyl-2,3-dihydro-1H-pyrrole-5-carboxylic acid'
4 non-polymer 'SULFATE ION'
5 non-polymer 'CHLORIDE ION'
6 water water
#
_entity_poly.entity_id   1
_entity_poly.type   'polypeptide(L)'
_entity_poly.pdbx_seq_one_letter_code
;GSITENTSWNKEFSAEAVNGVFVLCKSSSKSCATNDLARASKEYLPASTF(KCX)IPNAIIGLETGVIKNEHQVFKWDGK
PRAMKQWERDLTLRGAIQVSAVPVFQQIAREVGEVRMQKYLKKFSYGNQNISGGIDKFWLEGQLRISAVNQVEFLESLYL
NKLSASKENQLIVKEALVTEAAPEYLVHSKTGYSTRIEPKIGWWVGWVEKETEVYFFAFNMDIDNESKLPLRKSIPTKIM
ESEGIIGG
;
_entity_poly.pdbx_strand_id   A,B
#
# COMPACT_ATOMS: atom_id res chain seq x y z
N GLY A 1 -17.79 -11.76 -19.48
CA GLY A 1 -16.42 -11.54 -20.00
C GLY A 1 -16.06 -12.51 -21.13
N SER A 2 -14.94 -12.17 -21.79
CA SER A 2 -14.36 -12.87 -22.92
C SER A 2 -12.94 -13.28 -22.54
N ILE A 3 -12.53 -14.48 -22.93
CA ILE A 3 -11.22 -15.02 -22.59
C ILE A 3 -10.61 -15.55 -23.89
N THR A 4 -9.39 -15.11 -24.22
CA THR A 4 -8.74 -15.46 -25.47
C THR A 4 -7.44 -16.20 -25.17
N GLU A 5 -7.22 -17.30 -25.89
CA GLU A 5 -6.01 -18.13 -25.71
C GLU A 5 -4.82 -17.49 -26.42
N ASN A 6 -3.69 -17.36 -25.72
CA ASN A 6 -2.43 -16.94 -26.32
C ASN A 6 -1.54 -18.18 -26.37
N THR A 7 -1.38 -18.69 -27.60
N THR A 7 -1.35 -18.75 -27.57
CA THR A 7 -0.70 -19.94 -27.92
CA THR A 7 -0.70 -20.06 -27.63
C THR A 7 0.72 -19.90 -27.34
C THR A 7 0.80 -19.95 -27.40
N SER A 8 1.38 -18.76 -27.55
CA SER A 8 2.79 -18.61 -27.22
C SER A 8 3.05 -18.81 -25.73
N TRP A 9 2.01 -18.73 -24.88
CA TRP A 9 2.30 -18.80 -23.45
C TRP A 9 2.62 -20.23 -22.99
N ASN A 10 2.20 -21.22 -23.77
CA ASN A 10 2.36 -22.61 -23.38
C ASN A 10 3.83 -22.97 -23.20
N LYS A 11 4.70 -22.36 -24.02
CA LYS A 11 6.13 -22.58 -24.04
C LYS A 11 6.69 -22.52 -22.62
N GLU A 12 6.13 -21.61 -21.81
CA GLU A 12 6.68 -21.33 -20.51
C GLU A 12 6.34 -22.46 -19.54
N PHE A 13 5.24 -23.18 -19.82
CA PHE A 13 4.72 -24.19 -18.93
C PHE A 13 5.38 -25.52 -19.33
N SER A 14 5.30 -25.86 -20.62
CA SER A 14 5.90 -27.10 -21.08
C SER A 14 7.42 -27.11 -20.89
N ALA A 15 8.07 -25.94 -21.01
CA ALA A 15 9.49 -25.85 -20.73
C ALA A 15 9.85 -26.20 -19.29
N GLU A 16 8.91 -26.07 -18.34
CA GLU A 16 9.26 -26.43 -16.97
C GLU A 16 8.59 -27.73 -16.56
N ALA A 17 7.87 -28.36 -17.50
CA ALA A 17 7.04 -29.55 -17.27
C ALA A 17 5.94 -29.27 -16.24
N VAL A 18 5.24 -28.13 -16.41
CA VAL A 18 4.23 -27.68 -15.46
C VAL A 18 2.85 -27.77 -16.10
N ASN A 19 1.89 -28.29 -15.35
CA ASN A 19 0.50 -28.16 -15.72
C ASN A 19 -0.08 -27.02 -14.89
N GLY A 20 -0.55 -25.97 -15.55
CA GLY A 20 -1.06 -24.80 -14.83
C GLY A 20 -1.80 -23.84 -15.78
N VAL A 21 -2.27 -22.72 -15.22
CA VAL A 21 -2.93 -21.73 -16.04
C VAL A 21 -2.54 -20.33 -15.56
N PHE A 22 -2.46 -19.38 -16.49
CA PHE A 22 -2.33 -17.98 -16.13
C PHE A 22 -3.44 -17.21 -16.83
N VAL A 23 -4.07 -16.28 -16.09
CA VAL A 23 -5.07 -15.41 -16.67
C VAL A 23 -4.59 -13.99 -16.43
N LEU A 24 -4.60 -13.15 -17.47
CA LEU A 24 -4.17 -11.75 -17.39
C LEU A 24 -5.18 -10.85 -18.10
N CYS A 25 -5.60 -9.75 -17.45
CA CYS A 25 -6.59 -8.84 -18.03
C CYS A 25 -6.08 -7.42 -17.93
N LYS A 26 -5.96 -6.72 -19.08
CA LYS A 26 -5.56 -5.31 -19.07
C LYS A 26 -6.80 -4.43 -18.98
N SER A 27 -6.75 -3.43 -18.08
CA SER A 27 -7.77 -2.39 -17.84
CA SER A 27 -7.76 -2.39 -17.85
C SER A 27 -8.99 -2.91 -17.12
N SER A 28 -9.53 -4.06 -17.58
CA SER A 28 -10.73 -4.61 -16.98
C SER A 28 -10.79 -6.12 -17.26
N SER A 29 -11.72 -6.83 -16.58
CA SER A 29 -11.90 -8.27 -16.78
C SER A 29 -12.79 -8.54 -18.00
N LYS A 30 -13.13 -7.48 -18.73
CA LYS A 30 -14.09 -7.61 -19.83
C LYS A 30 -13.45 -8.48 -20.90
N SER A 31 -12.11 -8.41 -21.00
CA SER A 31 -11.33 -9.15 -21.96
C SER A 31 -9.98 -9.57 -21.36
N CYS A 32 -9.81 -10.88 -21.23
CA CYS A 32 -8.64 -11.49 -20.61
C CYS A 32 -7.96 -12.44 -21.60
N ALA A 33 -6.66 -12.65 -21.35
CA ALA A 33 -5.87 -13.60 -22.10
C ALA A 33 -5.49 -14.77 -21.19
N THR A 34 -5.27 -15.97 -21.77
CA THR A 34 -4.81 -17.13 -21.02
C THR A 34 -4.04 -18.11 -21.89
N ASN A 35 -3.26 -19.02 -21.26
CA ASN A 35 -2.67 -20.13 -22.00
C ASN A 35 -3.65 -21.27 -22.26
N ASP A 36 -4.73 -21.38 -21.46
N ASP A 36 -4.79 -21.37 -21.53
CA ASP A 36 -5.59 -22.55 -21.56
CA ASP A 36 -5.55 -22.60 -21.58
C ASP A 36 -7.02 -22.18 -21.20
C ASP A 36 -7.02 -22.36 -21.19
N LEU A 37 -7.91 -22.20 -22.18
CA LEU A 37 -9.30 -21.80 -21.96
C LEU A 37 -9.96 -22.68 -20.89
N ALA A 38 -9.80 -24.00 -21.00
CA ALA A 38 -10.51 -24.89 -20.08
C ALA A 38 -10.08 -24.68 -18.63
N ARG A 39 -8.77 -24.64 -18.42
CA ARG A 39 -8.28 -24.59 -17.05
C ARG A 39 -8.52 -23.21 -16.44
N ALA A 40 -8.62 -22.17 -17.27
CA ALA A 40 -8.84 -20.82 -16.77
C ALA A 40 -10.13 -20.76 -15.92
N SER A 41 -11.16 -21.53 -16.31
CA SER A 41 -12.39 -21.60 -15.52
C SER A 41 -12.52 -22.80 -14.58
N LYS A 42 -11.48 -23.65 -14.47
CA LYS A 42 -11.50 -24.79 -13.54
C LYS A 42 -11.37 -24.29 -12.10
N GLU A 43 -12.13 -24.87 -11.16
CA GLU A 43 -12.22 -24.34 -9.79
C GLU A 43 -11.43 -25.21 -8.80
N TYR A 44 -10.66 -24.58 -7.88
CA TYR A 44 -9.78 -25.26 -6.96
C TYR A 44 -9.97 -24.63 -5.59
N LEU A 45 -9.53 -25.34 -4.54
CA LEU A 45 -9.53 -24.73 -3.20
C LEU A 45 -8.75 -23.44 -3.23
N PRO A 46 -9.21 -22.34 -2.58
CA PRO A 46 -8.44 -21.12 -2.56
C PRO A 46 -7.19 -21.13 -1.67
N ALA A 47 -7.21 -21.98 -0.62
CA ALA A 47 -6.15 -21.97 0.39
C ALA A 47 -5.91 -20.55 0.91
N SER A 48 -4.65 -20.14 1.08
N SER A 48 -4.64 -20.15 1.02
CA SER A 48 -4.44 -18.85 1.75
CA SER A 48 -4.29 -18.88 1.65
C SER A 48 -4.85 -17.64 0.88
C SER A 48 -4.87 -17.67 0.91
N THR A 49 -5.22 -17.81 -0.38
CA THR A 49 -5.77 -16.66 -1.11
C THR A 49 -7.14 -16.28 -0.53
N PHE A 50 -7.78 -17.17 0.22
CA PHE A 50 -9.05 -16.83 0.87
C PHE A 50 -8.81 -15.76 1.97
N ILE A 52 -7.95 -12.95 1.55
CA ILE A 52 -8.37 -11.64 1.01
C ILE A 52 -9.86 -11.43 1.34
N PRO A 53 -10.82 -12.26 0.87
CA PRO A 53 -12.22 -12.06 1.29
C PRO A 53 -12.45 -12.15 2.80
N ASN A 54 -11.75 -13.08 3.48
CA ASN A 54 -11.93 -13.22 4.92
C ASN A 54 -11.52 -11.94 5.65
N ALA A 55 -10.43 -11.29 5.21
CA ALA A 55 -10.06 -10.04 5.88
C ALA A 55 -11.15 -8.97 5.69
N ILE A 56 -11.69 -8.86 4.46
CA ILE A 56 -12.73 -7.86 4.18
C ILE A 56 -13.96 -8.14 5.06
N ILE A 57 -14.37 -9.43 5.14
CA ILE A 57 -15.53 -9.86 5.93
C ILE A 57 -15.30 -9.59 7.42
N GLY A 58 -14.10 -9.92 7.91
CA GLY A 58 -13.74 -9.62 9.31
C GLY A 58 -13.89 -8.14 9.66
N LEU A 59 -13.50 -7.26 8.74
CA LEU A 59 -13.66 -5.82 9.00
C LEU A 59 -15.15 -5.43 8.88
N GLU A 60 -15.84 -5.94 7.86
CA GLU A 60 -17.21 -5.49 7.58
C GLU A 60 -18.16 -5.91 8.71
N THR A 61 -17.89 -7.06 9.36
CA THR A 61 -18.71 -7.54 10.48
C THR A 61 -18.28 -6.93 11.83
N GLY A 62 -17.18 -6.17 11.87
CA GLY A 62 -16.62 -5.58 13.10
C GLY A 62 -15.84 -6.60 13.96
N VAL A 63 -15.64 -7.81 13.44
CA VAL A 63 -14.80 -8.83 14.13
C VAL A 63 -13.35 -8.34 14.22
N ILE A 64 -12.86 -7.75 13.12
CA ILE A 64 -11.64 -6.95 13.13
C ILE A 64 -12.14 -5.53 13.38
N LYS A 65 -11.68 -4.90 14.48
CA LYS A 65 -12.25 -3.63 14.91
C LYS A 65 -11.98 -2.51 13.91
N ASN A 66 -10.73 -2.41 13.40
CA ASN A 66 -10.34 -1.36 12.47
C ASN A 66 -8.97 -1.67 11.91
N GLU A 67 -8.43 -0.75 11.09
CA GLU A 67 -7.12 -0.99 10.47
C GLU A 67 -5.99 -1.24 11.48
N HIS A 68 -6.12 -0.80 12.73
CA HIS A 68 -4.99 -0.86 13.65
C HIS A 68 -5.09 -2.09 14.57
N GLN A 69 -6.03 -3.00 14.26
CA GLN A 69 -6.27 -4.18 15.11
C GLN A 69 -4.94 -4.93 15.33
N VAL A 70 -4.68 -5.32 16.60
CA VAL A 70 -3.58 -6.25 16.88
C VAL A 70 -4.18 -7.60 17.31
N PHE A 71 -3.74 -8.67 16.63
CA PHE A 71 -4.16 -10.04 16.96
C PHE A 71 -3.14 -10.55 17.98
N LYS A 72 -3.56 -10.57 19.25
CA LYS A 72 -2.66 -10.80 20.38
C LYS A 72 -2.40 -12.30 20.50
N TRP A 73 -1.13 -12.71 20.64
CA TRP A 73 -0.80 -14.11 20.94
C TRP A 73 -0.90 -14.39 22.44
N ASP A 74 -1.70 -15.41 22.84
CA ASP A 74 -1.90 -15.75 24.25
C ASP A 74 -0.70 -16.52 24.83
N GLY A 75 0.34 -16.75 24.04
CA GLY A 75 1.52 -17.44 24.55
C GLY A 75 1.44 -18.98 24.46
N LYS A 76 0.30 -19.54 24.04
CA LYS A 76 0.15 -20.99 23.96
C LYS A 76 0.77 -21.49 22.65
N PRO A 77 1.32 -22.73 22.57
CA PRO A 77 2.07 -23.14 21.40
C PRO A 77 1.25 -23.00 20.11
N ARG A 78 1.90 -22.45 19.05
CA ARG A 78 1.37 -22.54 17.70
C ARG A 78 2.30 -23.38 16.81
N ALA A 79 1.80 -23.75 15.64
CA ALA A 79 2.41 -24.78 14.81
C ALA A 79 3.73 -24.26 14.23
N MET A 80 3.82 -22.95 13.96
CA MET A 80 5.01 -22.35 13.34
C MET A 80 5.52 -21.24 14.27
N LYS A 81 6.85 -21.11 14.40
CA LYS A 81 7.47 -20.10 15.26
C LYS A 81 7.12 -18.68 14.77
N GLN A 82 6.92 -18.54 13.47
CA GLN A 82 6.64 -17.22 12.88
C GLN A 82 5.25 -16.72 13.32
N TRP A 83 4.40 -17.63 13.82
CA TRP A 83 3.08 -17.27 14.32
C TRP A 83 3.05 -16.90 15.81
N GLU A 84 4.16 -17.15 16.54
CA GLU A 84 4.17 -17.01 17.98
C GLU A 84 4.55 -15.59 18.38
N ARG A 85 3.64 -14.65 18.11
CA ARG A 85 3.86 -13.22 18.33
C ARG A 85 2.53 -12.51 18.05
N ASP A 86 2.34 -11.34 18.65
CA ASP A 86 1.28 -10.44 18.22
C ASP A 86 1.48 -10.07 16.75
N LEU A 87 0.35 -9.89 16.03
CA LEU A 87 0.43 -9.62 14.60
C LEU A 87 -0.55 -8.51 14.24
N THR A 88 -0.20 -7.69 13.24
CA THR A 88 -1.15 -6.79 12.59
C THR A 88 -1.86 -7.55 11.47
N LEU A 89 -2.85 -6.89 10.81
CA LEU A 89 -3.48 -7.56 9.67
C LEU A 89 -2.44 -7.89 8.59
N ARG A 90 -1.61 -6.90 8.21
CA ARG A 90 -0.63 -7.17 7.16
C ARG A 90 0.34 -8.23 7.63
N GLY A 91 0.73 -8.18 8.91
CA GLY A 91 1.67 -9.18 9.44
C GLY A 91 1.08 -10.60 9.33
N ALA A 92 -0.19 -10.77 9.69
CA ALA A 92 -0.82 -12.08 9.68
C ALA A 92 -0.91 -12.62 8.24
N ILE A 93 -1.13 -11.72 7.27
CA ILE A 93 -1.10 -12.08 5.86
C ILE A 93 0.32 -12.48 5.43
N GLN A 94 1.34 -11.70 5.80
CA GLN A 94 2.72 -11.94 5.37
C GLN A 94 3.25 -13.30 5.87
N VAL A 95 2.89 -13.70 7.09
CA VAL A 95 3.43 -14.94 7.67
C VAL A 95 2.43 -16.08 7.47
N SER A 96 1.29 -15.78 6.81
CA SER A 96 0.22 -16.76 6.52
C SER A 96 -0.30 -17.42 7.82
N ALA A 97 -0.70 -16.58 8.76
CA ALA A 97 -1.12 -17.02 10.10
C ALA A 97 -2.53 -17.60 10.08
N VAL A 98 -2.65 -18.82 9.53
N VAL A 98 -2.64 -18.82 9.54
CA VAL A 98 -3.97 -19.45 9.44
CA VAL A 98 -3.90 -19.57 9.49
C VAL A 98 -4.76 -19.43 10.77
C VAL A 98 -4.73 -19.40 10.77
N PRO A 99 -4.17 -19.66 11.98
CA PRO A 99 -4.99 -19.66 13.19
C PRO A 99 -5.66 -18.33 13.50
N VAL A 100 -5.00 -17.22 13.13
CA VAL A 100 -5.62 -15.90 13.26
C VAL A 100 -6.87 -15.78 12.38
N PHE A 101 -6.72 -16.20 11.11
CA PHE A 101 -7.87 -16.19 10.20
C PHE A 101 -8.97 -17.18 10.58
N GLN A 102 -8.61 -18.31 11.22
CA GLN A 102 -9.61 -19.27 11.63
C GLN A 102 -10.45 -18.68 12.77
N GLN A 103 -9.81 -17.93 13.69
CA GLN A 103 -10.54 -17.32 14.76
C GLN A 103 -11.45 -16.22 14.18
N ILE A 104 -10.96 -15.47 13.19
CA ILE A 104 -11.82 -14.51 12.50
C ILE A 104 -13.07 -15.21 11.92
N ALA A 105 -12.87 -16.29 11.16
CA ALA A 105 -13.98 -17.03 10.57
C ALA A 105 -14.97 -17.53 11.61
N ARG A 106 -14.47 -18.02 12.76
CA ARG A 106 -15.40 -18.54 13.77
C ARG A 106 -16.31 -17.43 14.29
N GLU A 107 -15.71 -16.25 14.49
CA GLU A 107 -16.43 -15.10 15.06
C GLU A 107 -17.40 -14.51 14.02
N VAL A 108 -17.01 -14.54 12.77
CA VAL A 108 -17.90 -14.15 11.68
C VAL A 108 -19.14 -15.06 11.71
N GLY A 109 -18.89 -16.37 11.72
CA GLY A 109 -19.93 -17.39 11.80
C GLY A 109 -20.44 -17.78 10.40
N GLU A 110 -21.09 -18.94 10.29
CA GLU A 110 -21.48 -19.47 8.99
CA GLU A 110 -21.51 -19.49 9.01
C GLU A 110 -22.52 -18.59 8.30
N VAL A 111 -23.52 -18.04 9.04
CA VAL A 111 -24.57 -17.28 8.38
C VAL A 111 -24.01 -16.05 7.65
N ARG A 112 -23.24 -15.21 8.37
CA ARG A 112 -22.64 -14.03 7.76
C ARG A 112 -21.62 -14.37 6.65
N MET A 113 -20.82 -15.41 6.89
CA MET A 113 -19.79 -15.83 5.95
C MET A 113 -20.46 -16.23 4.63
N GLN A 114 -21.57 -16.97 4.70
CA GLN A 114 -22.21 -17.44 3.49
C GLN A 114 -22.73 -16.21 2.72
N LYS A 115 -23.33 -15.29 3.46
CA LYS A 115 -23.96 -14.11 2.82
C LYS A 115 -22.92 -13.31 2.04
N TYR A 116 -21.78 -12.97 2.68
CA TYR A 116 -20.76 -12.18 1.97
C TYR A 116 -20.18 -12.89 0.74
N LEU A 117 -19.89 -14.20 0.85
CA LEU A 117 -19.35 -14.89 -0.32
C LEU A 117 -20.33 -14.89 -1.48
N LYS A 118 -21.64 -14.91 -1.20
CA LYS A 118 -22.60 -14.82 -2.29
C LYS A 118 -22.68 -13.39 -2.86
N LYS A 119 -22.61 -12.34 -2.01
CA LYS A 119 -22.59 -10.97 -2.51
C LYS A 119 -21.35 -10.73 -3.36
N PHE A 120 -20.24 -11.37 -2.98
CA PHE A 120 -18.97 -11.18 -3.69
C PHE A 120 -18.84 -12.09 -4.93
N SER A 121 -19.84 -12.98 -5.18
CA SER A 121 -19.80 -13.97 -6.26
CA SER A 121 -19.81 -14.00 -6.21
C SER A 121 -18.49 -14.77 -6.17
N TYR A 122 -18.17 -15.27 -4.96
CA TYR A 122 -16.84 -15.85 -4.68
C TYR A 122 -16.84 -17.36 -4.94
N GLY A 123 -16.39 -17.75 -6.14
CA GLY A 123 -16.27 -19.15 -6.52
C GLY A 123 -17.62 -19.88 -6.48
N ASN A 124 -17.63 -21.14 -6.02
CA ASN A 124 -18.88 -21.89 -5.98
C ASN A 124 -19.70 -21.51 -4.74
N GLN A 125 -19.17 -20.63 -3.88
CA GLN A 125 -19.92 -20.08 -2.76
C GLN A 125 -20.33 -21.14 -1.73
N ASN A 126 -19.59 -22.27 -1.71
CA ASN A 126 -19.95 -23.39 -0.84
C ASN A 126 -19.03 -23.39 0.38
N ILE A 127 -19.56 -23.10 1.59
CA ILE A 127 -18.73 -23.01 2.80
C ILE A 127 -18.90 -24.24 3.68
N SER A 128 -19.45 -25.32 3.08
CA SER A 128 -19.56 -26.61 3.73
CA SER A 128 -19.56 -26.63 3.71
C SER A 128 -18.18 -27.13 4.13
N GLY A 129 -18.15 -27.80 5.26
CA GLY A 129 -16.95 -28.52 5.65
C GLY A 129 -16.35 -28.05 6.96
N GLY A 130 -17.06 -27.16 7.68
CA GLY A 130 -16.57 -26.69 8.98
C GLY A 130 -16.08 -25.24 8.87
N ILE A 131 -16.58 -24.38 9.76
CA ILE A 131 -16.38 -22.93 9.60
C ILE A 131 -14.88 -22.56 9.59
N ASP A 132 -14.02 -23.37 10.28
CA ASP A 132 -12.63 -22.99 10.34
C ASP A 132 -11.76 -23.63 9.24
N LYS A 133 -12.31 -24.38 8.31
CA LYS A 133 -11.43 -25.05 7.37
CA LYS A 133 -11.47 -25.11 7.39
C LYS A 133 -12.06 -25.25 6.00
N PHE A 134 -13.24 -24.63 5.73
CA PHE A 134 -13.85 -24.88 4.43
C PHE A 134 -12.97 -24.44 3.23
N TRP A 135 -12.15 -23.40 3.40
CA TRP A 135 -11.28 -22.92 2.30
C TRP A 135 -9.98 -23.71 2.18
N LEU A 136 -9.70 -24.59 3.16
CA LEU A 136 -8.46 -25.36 3.25
C LEU A 136 -8.69 -26.80 2.81
N GLU A 137 -9.85 -27.37 3.16
CA GLU A 137 -10.09 -28.78 2.85
C GLU A 137 -11.58 -29.09 2.73
N GLY A 138 -12.42 -28.04 2.67
CA GLY A 138 -13.85 -28.26 2.50
C GLY A 138 -14.25 -28.23 1.02
N GLN A 139 -15.45 -27.70 0.74
CA GLN A 139 -16.05 -27.81 -0.58
CA GLN A 139 -16.08 -27.80 -0.58
C GLN A 139 -15.94 -26.49 -1.35
N LEU A 140 -15.33 -25.46 -0.76
CA LEU A 140 -15.23 -24.20 -1.53
C LEU A 140 -14.24 -24.35 -2.69
N ARG A 141 -14.56 -23.76 -3.86
CA ARG A 141 -13.68 -23.85 -5.03
C ARG A 141 -13.80 -22.54 -5.81
N ILE A 142 -12.69 -22.09 -6.41
CA ILE A 142 -12.76 -20.87 -7.24
C ILE A 142 -11.79 -21.02 -8.41
N SER A 143 -12.10 -20.35 -9.54
CA SER A 143 -11.21 -20.40 -10.70
C SER A 143 -10.30 -19.18 -10.80
N ALA A 144 -9.31 -19.26 -11.71
CA ALA A 144 -8.47 -18.10 -12.01
C ALA A 144 -9.26 -16.93 -12.59
N VAL A 145 -10.19 -17.22 -13.51
CA VAL A 145 -11.07 -16.17 -14.03
C VAL A 145 -11.83 -15.50 -12.88
N ASN A 146 -12.44 -16.29 -11.96
CA ASN A 146 -13.22 -15.67 -10.89
C ASN A 146 -12.30 -14.88 -9.92
N GLN A 147 -11.06 -15.34 -9.71
CA GLN A 147 -10.15 -14.56 -8.88
C GLN A 147 -9.91 -13.19 -9.52
N VAL A 148 -9.66 -13.14 -10.83
CA VAL A 148 -9.41 -11.80 -11.40
C VAL A 148 -10.64 -10.88 -11.34
N GLU A 149 -11.83 -11.44 -11.54
CA GLU A 149 -13.07 -10.68 -11.38
C GLU A 149 -13.24 -10.09 -9.97
N PHE A 150 -12.99 -10.94 -8.97
CA PHE A 150 -13.08 -10.53 -7.56
C PHE A 150 -12.08 -9.41 -7.25
N LEU A 151 -10.83 -9.57 -7.71
CA LEU A 151 -9.79 -8.60 -7.42
C LEU A 151 -10.04 -7.30 -8.17
N GLU A 152 -10.61 -7.41 -9.36
CA GLU A 152 -11.01 -6.16 -10.04
C GLU A 152 -12.07 -5.42 -9.21
N SER A 153 -13.06 -6.16 -8.69
CA SER A 153 -14.07 -5.47 -7.88
C SER A 153 -13.43 -4.78 -6.65
N LEU A 154 -12.47 -5.46 -6.03
CA LEU A 154 -11.74 -4.88 -4.89
C LEU A 154 -10.98 -3.60 -5.29
N TYR A 155 -10.22 -3.66 -6.41
CA TYR A 155 -9.48 -2.52 -6.92
C TYR A 155 -10.43 -1.32 -7.13
N LEU A 156 -11.63 -1.58 -7.65
CA LEU A 156 -12.59 -0.48 -7.98
C LEU A 156 -13.45 -0.06 -6.78
N ASN A 157 -13.27 -0.66 -5.59
CA ASN A 157 -14.16 -0.46 -4.44
C ASN A 157 -15.61 -0.84 -4.72
N LYS A 158 -15.82 -1.86 -5.56
CA LYS A 158 -17.16 -2.25 -5.96
C LYS A 158 -17.69 -3.48 -5.22
N LEU A 159 -16.90 -4.10 -4.30
CA LEU A 159 -17.46 -5.16 -3.47
C LEU A 159 -18.56 -4.66 -2.52
N SER A 160 -19.38 -5.61 -2.03
CA SER A 160 -20.46 -5.25 -1.10
C SER A 160 -19.88 -5.10 0.30
N ALA A 161 -19.03 -4.08 0.48
CA ALA A 161 -18.44 -3.71 1.75
C ALA A 161 -18.10 -2.23 1.70
N SER A 162 -17.75 -1.64 2.85
CA SER A 162 -17.50 -0.20 2.79
C SER A 162 -16.24 0.07 1.97
N LYS A 163 -16.14 1.27 1.39
CA LYS A 163 -14.90 1.63 0.71
C LYS A 163 -13.73 1.62 1.70
N GLU A 164 -13.95 2.13 2.92
CA GLU A 164 -12.93 2.15 3.97
CA GLU A 164 -12.89 2.15 3.93
C GLU A 164 -12.32 0.74 4.13
N ASN A 165 -13.19 -0.25 4.24
CA ASN A 165 -12.67 -1.60 4.54
C ASN A 165 -11.92 -2.20 3.33
N GLN A 166 -12.37 -1.87 2.10
CA GLN A 166 -11.68 -2.33 0.89
C GLN A 166 -10.28 -1.70 0.83
N LEU A 167 -10.18 -0.39 1.17
CA LEU A 167 -8.89 0.29 1.17
C LEU A 167 -7.94 -0.33 2.20
N ILE A 168 -8.46 -0.66 3.40
CA ILE A 168 -7.64 -1.24 4.48
C ILE A 168 -7.02 -2.56 4.03
N VAL A 169 -7.84 -3.39 3.40
CA VAL A 169 -7.33 -4.68 2.91
C VAL A 169 -6.31 -4.47 1.79
N LYS A 170 -6.59 -3.51 0.87
CA LYS A 170 -5.66 -3.27 -0.22
C LYS A 170 -4.28 -2.87 0.32
N GLU A 171 -4.23 -2.01 1.35
CA GLU A 171 -2.93 -1.61 1.87
C GLU A 171 -2.14 -2.81 2.40
N ALA A 172 -2.86 -3.74 3.05
CA ALA A 172 -2.21 -4.91 3.62
C ALA A 172 -1.70 -5.89 2.56
N LEU A 173 -2.20 -5.75 1.32
CA LEU A 173 -1.80 -6.61 0.21
C LEU A 173 -0.68 -6.04 -0.67
N VAL A 174 -0.17 -4.81 -0.39
CA VAL A 174 0.93 -4.29 -1.22
C VAL A 174 2.16 -5.19 -1.03
N THR A 175 2.80 -5.61 -2.12
CA THR A 175 4.00 -6.43 -2.07
C THR A 175 5.18 -5.76 -2.78
N GLU A 176 4.91 -4.78 -3.66
CA GLU A 176 6.00 -4.05 -4.29
C GLU A 176 5.57 -2.62 -4.60
N ALA A 177 6.46 -1.64 -4.32
CA ALA A 177 6.09 -0.25 -4.55
C ALA A 177 7.25 0.53 -5.18
N ALA A 178 6.94 1.33 -6.20
CA ALA A 178 7.91 2.20 -6.85
C ALA A 178 7.08 3.38 -7.35
N PRO A 179 7.65 4.55 -7.74
CA PRO A 179 6.81 5.71 -8.03
C PRO A 179 5.65 5.53 -9.01
N GLU A 180 5.88 4.78 -10.10
CA GLU A 180 4.82 4.54 -11.05
C GLU A 180 4.62 3.04 -11.26
N TYR A 181 4.80 2.25 -10.21
CA TYR A 181 4.65 0.81 -10.32
C TYR A 181 4.25 0.26 -8.96
N LEU A 182 3.12 -0.45 -8.89
CA LEU A 182 2.65 -0.91 -7.57
C LEU A 182 2.04 -2.30 -7.74
N VAL A 183 2.47 -3.27 -6.93
CA VAL A 183 1.97 -4.63 -7.02
C VAL A 183 1.20 -4.96 -5.73
N HIS A 184 -0.02 -5.53 -5.87
CA HIS A 184 -0.72 -6.15 -4.75
C HIS A 184 -0.81 -7.63 -5.06
N SER A 185 -0.48 -8.56 -4.14
CA SER A 185 -0.48 -9.95 -4.56
C SER A 185 -0.61 -10.87 -3.36
N LYS A 186 -0.90 -12.16 -3.61
CA LYS A 186 -1.02 -13.12 -2.51
C LYS A 186 -0.77 -14.50 -3.08
N THR A 187 0.05 -15.29 -2.37
CA THR A 187 0.27 -16.69 -2.74
C THR A 187 -0.75 -17.58 -2.02
N GLY A 188 -0.91 -18.81 -2.53
CA GLY A 188 -1.47 -19.88 -1.71
C GLY A 188 -0.95 -21.24 -2.13
N TYR A 189 -1.14 -22.21 -1.22
CA TYR A 189 -0.68 -23.57 -1.44
C TYR A 189 -1.70 -24.51 -0.80
N SER A 190 -2.44 -25.25 -1.65
CA SER A 190 -3.46 -26.20 -1.23
C SER A 190 -2.85 -27.59 -1.32
N THR A 191 -2.63 -28.22 -0.14
CA THR A 191 -1.96 -29.50 -0.09
C THR A 191 -2.78 -30.62 0.57
N ARG A 192 -3.99 -30.33 1.08
CA ARG A 192 -4.81 -31.29 1.81
C ARG A 192 -5.69 -32.18 0.93
N ILE A 193 -6.01 -31.77 -0.30
CA ILE A 193 -6.86 -32.53 -1.21
C ILE A 193 -6.16 -32.54 -2.56
N GLU A 194 -6.07 -33.71 -3.24
CA GLU A 194 -5.29 -33.88 -4.46
C GLU A 194 -6.13 -33.44 -5.65
N PRO A 195 -5.53 -32.87 -6.73
CA PRO A 195 -4.09 -32.63 -6.82
C PRO A 195 -3.76 -31.35 -6.02
N LYS A 196 -2.53 -31.30 -5.51
CA LYS A 196 -2.03 -30.15 -4.77
C LYS A 196 -1.92 -28.98 -5.76
N ILE A 197 -2.25 -27.76 -5.32
CA ILE A 197 -2.40 -26.58 -6.19
C ILE A 197 -1.61 -25.43 -5.57
N GLY A 198 -0.80 -24.72 -6.38
CA GLY A 198 -0.19 -23.47 -5.91
C GLY A 198 -0.89 -22.31 -6.64
N TRP A 199 -1.05 -21.16 -5.96
CA TRP A 199 -1.65 -19.97 -6.55
C TRP A 199 -0.70 -18.80 -6.40
N TRP A 200 -0.85 -17.82 -7.31
CA TRP A 200 -0.39 -16.47 -7.09
C TRP A 200 -1.39 -15.56 -7.79
N VAL A 201 -2.05 -14.66 -7.04
CA VAL A 201 -3.09 -13.83 -7.62
C VAL A 201 -2.81 -12.36 -7.25
N GLY A 202 -3.26 -11.41 -8.08
CA GLY A 202 -3.02 -10.04 -7.65
C GLY A 202 -3.38 -9.03 -8.76
N TRP A 203 -2.87 -7.81 -8.61
CA TRP A 203 -2.96 -6.85 -9.72
C TRP A 203 -1.73 -5.93 -9.71
N VAL A 204 -1.43 -5.34 -10.88
CA VAL A 204 -0.29 -4.45 -11.00
C VAL A 204 -0.76 -3.13 -11.61
N GLU A 205 -0.39 -1.99 -10.99
CA GLU A 205 -0.52 -0.68 -11.60
C GLU A 205 0.85 -0.26 -12.15
N LYS A 206 0.87 0.13 -13.43
CA LYS A 206 2.06 0.59 -14.13
C LYS A 206 1.64 1.86 -14.88
N GLU A 207 2.16 3.02 -14.43
CA GLU A 207 1.78 4.29 -15.01
C GLU A 207 0.27 4.44 -14.85
N THR A 208 -0.49 4.67 -15.94
CA THR A 208 -1.92 4.84 -15.78
C THR A 208 -2.71 3.62 -16.27
N GLU A 209 -2.02 2.48 -16.37
CA GLU A 209 -2.67 1.20 -16.72
C GLU A 209 -2.73 0.27 -15.50
N VAL A 210 -3.68 -0.70 -15.53
CA VAL A 210 -3.83 -1.70 -14.47
C VAL A 210 -4.00 -3.07 -15.11
N TYR A 211 -3.39 -4.09 -14.50
CA TYR A 211 -3.54 -5.43 -15.05
C TYR A 211 -3.92 -6.37 -13.90
N PHE A 212 -4.93 -7.23 -14.11
CA PHE A 212 -5.33 -8.17 -13.06
C PHE A 212 -4.79 -9.54 -13.44
N PHE A 213 -4.32 -10.35 -12.47
CA PHE A 213 -3.73 -11.62 -12.86
C PHE A 213 -4.13 -12.72 -11.87
N ALA A 214 -4.17 -13.96 -12.37
CA ALA A 214 -4.29 -15.11 -11.48
C ALA A 214 -3.57 -16.30 -12.12
N PHE A 215 -2.75 -16.96 -11.29
CA PHE A 215 -2.00 -18.12 -11.75
C PHE A 215 -2.30 -19.30 -10.83
N ASN A 216 -2.50 -20.52 -11.39
CA ASN A 216 -2.39 -21.67 -10.48
C ASN A 216 -1.62 -22.80 -11.20
N MET A 217 -1.09 -23.77 -10.44
CA MET A 217 -0.39 -24.89 -11.09
C MET A 217 -0.48 -26.12 -10.18
N ASP A 218 -0.39 -27.33 -10.76
CA ASP A 218 -0.22 -28.52 -9.95
C ASP A 218 1.18 -28.48 -9.34
N ILE A 219 1.25 -28.79 -8.03
CA ILE A 219 2.50 -28.81 -7.29
C ILE A 219 2.83 -30.26 -6.93
N ASP A 220 3.95 -30.75 -7.49
CA ASP A 220 4.42 -32.11 -7.21
C ASP A 220 5.10 -32.14 -5.84
N ASN A 221 6.02 -31.20 -5.62
CA ASN A 221 6.68 -31.10 -4.34
C ASN A 221 7.04 -29.64 -4.09
N GLU A 222 7.47 -29.34 -2.84
CA GLU A 222 7.70 -27.98 -2.37
C GLU A 222 8.70 -27.24 -3.28
N SER A 223 9.55 -27.99 -3.98
CA SER A 223 10.65 -27.40 -4.72
C SER A 223 10.15 -26.68 -5.99
N LYS A 224 8.88 -26.91 -6.36
CA LYS A 224 8.31 -26.31 -7.55
C LYS A 224 7.53 -25.03 -7.22
N LEU A 225 7.37 -24.73 -5.92
CA LEU A 225 6.64 -23.55 -5.42
C LEU A 225 7.11 -22.25 -6.07
N PRO A 226 8.41 -21.90 -6.12
CA PRO A 226 8.81 -20.66 -6.82
C PRO A 226 8.20 -20.39 -8.20
N LEU A 227 7.79 -21.45 -8.94
CA LEU A 227 7.29 -21.27 -10.29
C LEU A 227 5.98 -20.47 -10.26
N ARG A 228 5.29 -20.55 -9.11
CA ARG A 228 4.07 -19.82 -8.87
C ARG A 228 4.27 -18.35 -9.21
N LYS A 229 5.49 -17.86 -8.98
CA LYS A 229 5.87 -16.47 -9.21
C LYS A 229 6.62 -16.28 -10.54
N SER A 230 7.49 -17.20 -10.94
CA SER A 230 8.38 -16.89 -12.06
C SER A 230 7.75 -17.10 -13.44
N ILE A 231 6.87 -18.10 -13.57
CA ILE A 231 6.21 -18.29 -14.85
C ILE A 231 5.32 -17.09 -15.12
N PRO A 232 4.37 -16.70 -14.21
CA PRO A 232 3.58 -15.51 -14.44
C PRO A 232 4.40 -14.23 -14.52
N THR A 233 5.54 -14.16 -13.80
CA THR A 233 6.39 -12.97 -13.92
C THR A 233 6.94 -12.86 -15.34
N LYS A 234 7.44 -13.95 -15.87
CA LYS A 234 7.99 -13.94 -17.22
C LYS A 234 6.91 -13.53 -18.25
N ILE A 235 5.69 -14.08 -18.14
CA ILE A 235 4.67 -13.71 -19.10
C ILE A 235 4.31 -12.23 -18.97
N MET A 236 4.15 -11.74 -17.72
CA MET A 236 3.87 -10.31 -17.55
C MET A 236 5.00 -9.45 -18.12
N GLU A 237 6.26 -9.86 -17.90
CA GLU A 237 7.36 -9.11 -18.50
C GLU A 237 7.30 -9.10 -20.03
N SER A 238 6.83 -10.21 -20.62
CA SER A 238 6.66 -10.27 -22.07
C SER A 238 5.61 -9.26 -22.55
N GLU A 239 4.69 -8.84 -21.68
CA GLU A 239 3.67 -7.86 -22.02
C GLU A 239 4.15 -6.45 -21.66
N GLY A 240 5.43 -6.29 -21.29
CA GLY A 240 5.93 -4.97 -20.91
C GLY A 240 5.69 -4.58 -19.45
N ILE A 241 5.19 -5.52 -18.63
CA ILE A 241 4.88 -5.22 -17.23
C ILE A 241 6.09 -5.60 -16.40
N ILE A 242 7.01 -4.62 -16.20
CA ILE A 242 8.32 -4.94 -15.68
C ILE A 242 8.57 -4.11 -14.42
N GLY A 243 8.95 -4.82 -13.34
CA GLY A 243 9.23 -4.29 -12.01
C GLY A 243 10.72 -4.04 -11.79
N GLY A 244 11.08 -3.80 -10.51
CA GLY A 244 12.41 -3.34 -10.14
C GLY A 244 13.12 -4.30 -9.21
N GLY B 1 3.19 13.13 24.49
CA GLY B 1 4.45 12.50 24.01
C GLY B 1 5.68 13.11 24.68
N SER B 2 6.86 12.52 24.41
CA SER B 2 8.09 13.12 24.92
C SER B 2 9.10 13.24 23.79
N ILE B 3 10.09 14.11 23.99
CA ILE B 3 11.23 14.14 23.07
C ILE B 3 12.52 14.16 23.91
N THR B 4 13.55 13.46 23.45
CA THR B 4 14.86 13.49 24.08
C THR B 4 15.92 13.74 23.02
N GLU B 5 16.97 14.48 23.39
CA GLU B 5 18.12 14.70 22.50
C GLU B 5 19.11 13.54 22.62
N ASN B 6 19.53 13.04 21.44
CA ASN B 6 20.48 11.95 21.30
C ASN B 6 21.63 12.43 20.39
N THR B 7 22.75 12.75 21.03
CA THR B 7 23.95 13.33 20.44
C THR B 7 24.68 12.33 19.55
N SER B 8 24.51 11.03 19.81
CA SER B 8 25.25 10.03 19.05
C SER B 8 24.94 10.08 17.54
N TRP B 9 23.67 10.28 17.16
CA TRP B 9 23.34 10.29 15.73
C TRP B 9 24.20 11.30 14.96
N ASN B 10 24.80 12.29 15.66
CA ASN B 10 25.49 13.39 15.01
C ASN B 10 26.60 12.88 14.09
N LYS B 11 27.16 11.70 14.40
CA LYS B 11 28.21 11.06 13.62
C LYS B 11 27.88 11.07 12.12
N GLU B 12 26.60 10.80 11.76
CA GLU B 12 26.23 10.64 10.37
C GLU B 12 26.22 12.00 9.65
N PHE B 13 25.95 13.07 10.41
CA PHE B 13 25.90 14.42 9.89
C PHE B 13 27.33 14.92 9.75
N SER B 14 28.13 14.69 10.81
CA SER B 14 29.51 15.17 10.93
C SER B 14 30.34 14.65 9.76
N ALA B 15 30.22 13.36 9.47
CA ALA B 15 30.97 12.73 8.40
C ALA B 15 30.66 13.37 7.04
N GLU B 16 29.49 14.01 6.89
CA GLU B 16 29.04 14.49 5.59
C GLU B 16 29.07 16.02 5.51
N ALA B 17 29.50 16.67 6.60
CA ALA B 17 29.41 18.11 6.79
C ALA B 17 27.99 18.63 6.49
N VAL B 18 27.00 17.94 7.08
CA VAL B 18 25.60 18.28 6.89
C VAL B 18 25.10 19.02 8.13
N ASN B 19 24.42 20.14 7.90
CA ASN B 19 23.60 20.71 8.96
C ASN B 19 22.16 20.21 8.81
N GLY B 20 21.63 19.48 9.79
CA GLY B 20 20.27 19.00 9.56
C GLY B 20 19.73 18.37 10.84
N VAL B 21 18.49 17.86 10.78
CA VAL B 21 17.89 17.22 11.95
C VAL B 21 17.09 15.98 11.55
N PHE B 22 17.13 14.96 12.43
CA PHE B 22 16.21 13.83 12.35
C PHE B 22 15.37 13.75 13.62
N VAL B 23 14.07 13.51 13.44
CA VAL B 23 13.15 13.27 14.54
C VAL B 23 12.50 11.90 14.30
N LEU B 24 12.65 10.96 15.25
CA LEU B 24 12.13 9.62 15.11
C LEU B 24 11.30 9.25 16.36
N CYS B 25 10.01 8.89 16.16
CA CYS B 25 9.06 8.70 17.26
C CYS B 25 8.50 7.29 17.26
N LYS B 26 8.53 6.62 18.44
CA LYS B 26 7.99 5.28 18.58
C LYS B 26 6.59 5.43 19.13
N SER B 27 5.61 4.93 18.37
CA SER B 27 4.21 5.21 18.63
C SER B 27 3.79 4.59 19.97
N SER B 28 4.24 3.37 20.26
CA SER B 28 3.68 2.67 21.41
C SER B 28 3.99 3.41 22.72
N SER B 29 5.17 4.05 22.81
CA SER B 29 5.62 4.67 24.05
C SER B 29 5.50 6.18 23.95
N LYS B 30 4.97 6.65 22.81
CA LYS B 30 4.82 8.08 22.54
C LYS B 30 6.13 8.80 22.89
N SER B 31 7.23 8.31 22.34
CA SER B 31 8.55 8.78 22.71
C SER B 31 9.40 9.06 21.47
N CYS B 32 9.92 10.29 21.37
CA CYS B 32 10.70 10.71 20.20
C CYS B 32 12.15 10.96 20.58
N ALA B 33 13.03 10.84 19.59
CA ALA B 33 14.43 11.20 19.77
C ALA B 33 14.87 12.05 18.60
N THR B 34 15.82 12.97 18.86
CA THR B 34 16.33 13.88 17.85
C THR B 34 17.80 14.13 18.11
N ASN B 35 18.57 14.38 17.04
CA ASN B 35 19.96 14.73 17.24
C ASN B 35 20.07 16.19 17.69
N ASP B 36 19.02 17.01 17.49
CA ASP B 36 19.09 18.48 17.63
C ASP B 36 17.73 19.08 18.00
N LEU B 37 17.46 19.30 19.31
CA LEU B 37 16.16 19.81 19.74
C LEU B 37 15.87 21.17 19.09
N ALA B 38 16.89 22.04 18.96
CA ALA B 38 16.62 23.39 18.47
C ALA B 38 16.15 23.30 17.02
N ARG B 39 16.93 22.63 16.20
CA ARG B 39 16.59 22.53 14.77
C ARG B 39 15.28 21.76 14.57
N ALA B 40 14.97 20.82 15.47
CA ALA B 40 13.72 20.07 15.37
C ALA B 40 12.51 21.00 15.42
N SER B 41 12.67 22.18 16.07
CA SER B 41 11.60 23.16 16.24
C SER B 41 11.67 24.31 15.22
N LYS B 42 12.74 24.40 14.41
CA LYS B 42 12.78 25.45 13.38
C LYS B 42 11.84 25.12 12.21
N GLU B 43 11.24 26.17 11.61
CA GLU B 43 10.11 26.07 10.71
C GLU B 43 10.55 26.51 9.32
N TYR B 44 10.33 25.64 8.32
CA TYR B 44 10.85 25.82 6.96
C TYR B 44 9.74 25.63 5.93
N LEU B 45 9.92 26.19 4.71
CA LEU B 45 8.98 25.92 3.62
C LEU B 45 8.77 24.41 3.48
N PRO B 46 7.52 23.89 3.40
CA PRO B 46 7.34 22.43 3.29
C PRO B 46 7.70 21.88 1.90
N ALA B 47 7.66 22.75 0.86
CA ALA B 47 7.94 22.31 -0.50
C ALA B 47 7.05 21.09 -0.77
N SER B 48 7.54 20.07 -1.49
CA SER B 48 6.61 19.05 -1.98
C SER B 48 6.04 18.16 -0.86
N THR B 49 6.49 18.34 0.41
CA THR B 49 5.86 17.58 1.48
C THR B 49 4.43 18.11 1.64
N PHE B 50 4.15 19.31 1.08
CA PHE B 50 2.81 19.87 1.15
C PHE B 50 1.81 19.05 0.33
N ILE B 52 1.00 16.23 0.77
CA ILE B 52 0.20 15.41 1.67
C ILE B 52 -1.08 16.12 2.07
N PRO B 53 -1.07 17.30 2.75
CA PRO B 53 -2.33 17.94 3.08
C PRO B 53 -3.09 18.36 1.81
N ASN B 54 -2.36 18.67 0.73
CA ASN B 54 -3.03 19.24 -0.44
C ASN B 54 -3.92 18.17 -1.11
N ALA B 55 -3.42 16.93 -1.09
CA ALA B 55 -4.14 15.79 -1.66
C ALA B 55 -5.36 15.54 -0.79
N ILE B 56 -5.20 15.59 0.55
CA ILE B 56 -6.36 15.39 1.43
C ILE B 56 -7.41 16.46 1.18
N ILE B 57 -6.97 17.73 1.09
CA ILE B 57 -7.93 18.83 0.93
C ILE B 57 -8.59 18.74 -0.46
N GLY B 58 -7.81 18.43 -1.49
CA GLY B 58 -8.34 18.16 -2.82
C GLY B 58 -9.48 17.15 -2.78
N LEU B 59 -9.31 16.02 -2.06
CA LEU B 59 -10.34 15.01 -2.00
C LEU B 59 -11.53 15.50 -1.19
N GLU B 60 -11.24 16.13 -0.05
CA GLU B 60 -12.27 16.59 0.87
C GLU B 60 -13.23 17.55 0.16
N THR B 61 -12.68 18.34 -0.75
CA THR B 61 -13.44 19.43 -1.35
C THR B 61 -14.12 18.98 -2.63
N GLY B 62 -13.82 17.75 -3.07
CA GLY B 62 -14.34 17.24 -4.33
C GLY B 62 -13.56 17.72 -5.56
N VAL B 63 -12.49 18.50 -5.35
CA VAL B 63 -11.63 18.89 -6.46
C VAL B 63 -10.99 17.66 -7.10
N ILE B 64 -10.49 16.74 -6.25
CA ILE B 64 -10.04 15.43 -6.71
C ILE B 64 -11.22 14.47 -6.52
N LYS B 65 -11.59 13.73 -7.58
CA LYS B 65 -12.80 12.93 -7.45
C LYS B 65 -12.54 11.70 -6.58
N ASN B 66 -11.38 11.04 -6.72
CA ASN B 66 -11.10 9.78 -6.03
C ASN B 66 -9.74 9.31 -6.49
N GLU B 67 -9.32 8.11 -6.00
CA GLU B 67 -7.94 7.68 -6.22
C GLU B 67 -7.75 7.20 -7.64
N HIS B 68 -8.85 7.08 -8.40
CA HIS B 68 -8.74 6.55 -9.75
C HIS B 68 -8.63 7.67 -10.80
N GLN B 69 -8.65 8.92 -10.32
CA GLN B 69 -8.57 10.08 -11.22
C GLN B 69 -7.22 10.10 -11.93
N VAL B 70 -7.26 10.34 -13.25
CA VAL B 70 -6.01 10.47 -13.99
C VAL B 70 -5.87 11.93 -14.36
N PHE B 71 -4.69 12.47 -14.08
CA PHE B 71 -4.28 13.84 -14.42
C PHE B 71 -3.56 13.78 -15.76
N LYS B 72 -4.19 14.33 -16.82
CA LYS B 72 -3.71 14.16 -18.19
C LYS B 72 -2.69 15.26 -18.49
N TRP B 73 -1.61 14.90 -19.20
CA TRP B 73 -0.64 15.88 -19.60
C TRP B 73 -1.17 16.62 -20.83
N ASP B 74 -1.18 17.97 -20.78
CA ASP B 74 -1.68 18.81 -21.87
C ASP B 74 -0.64 19.02 -22.97
N GLY B 75 0.54 18.43 -22.81
CA GLY B 75 1.60 18.49 -23.82
C GLY B 75 2.54 19.69 -23.68
N LYS B 76 2.29 20.58 -22.72
CA LYS B 76 3.17 21.74 -22.50
C LYS B 76 4.42 21.30 -21.74
N PRO B 77 5.65 21.81 -22.06
CA PRO B 77 6.87 21.37 -21.39
C PRO B 77 6.76 21.54 -19.87
N ARG B 78 7.30 20.57 -19.13
CA ARG B 78 7.36 20.65 -17.68
C ARG B 78 8.81 20.68 -17.22
N ALA B 79 9.00 21.06 -15.94
CA ALA B 79 10.34 21.26 -15.39
C ALA B 79 11.13 19.95 -15.30
N MET B 80 10.43 18.81 -15.15
CA MET B 80 11.11 17.51 -15.23
C MET B 80 10.45 16.66 -16.30
N LYS B 81 11.26 15.88 -17.03
CA LYS B 81 10.76 14.97 -18.06
C LYS B 81 9.78 13.97 -17.43
N GLN B 82 10.05 13.59 -16.18
CA GLN B 82 9.24 12.61 -15.48
C GLN B 82 7.80 13.08 -15.28
N TRP B 83 7.53 14.39 -15.49
CA TRP B 83 6.19 14.92 -15.31
C TRP B 83 5.43 15.01 -16.64
N GLU B 84 6.09 14.72 -17.76
CA GLU B 84 5.51 14.94 -19.08
C GLU B 84 4.78 13.68 -19.55
N ARG B 85 3.70 13.34 -18.84
CA ARG B 85 2.91 12.14 -19.10
C ARG B 85 1.71 12.16 -18.18
N ASP B 86 0.67 11.39 -18.54
CA ASP B 86 -0.51 11.29 -17.69
C ASP B 86 -0.08 10.61 -16.37
N LEU B 87 -0.76 10.95 -15.25
CA LEU B 87 -0.35 10.41 -13.95
C LEU B 87 -1.57 10.04 -13.13
N THR B 88 -1.46 8.97 -12.30
CA THR B 88 -2.54 8.73 -11.33
C THR B 88 -2.30 9.65 -10.13
N LEU B 89 -3.24 9.67 -9.18
CA LEU B 89 -3.02 10.48 -7.97
C LEU B 89 -1.74 10.02 -7.27
N ARG B 90 -1.59 8.68 -7.04
CA ARG B 90 -0.35 8.18 -6.46
C ARG B 90 0.85 8.59 -7.31
N GLY B 91 0.75 8.42 -8.64
CA GLY B 91 1.92 8.72 -9.48
C GLY B 91 2.33 10.20 -9.39
N ALA B 92 1.34 11.12 -9.37
CA ALA B 92 1.58 12.58 -9.26
C ALA B 92 2.19 12.95 -7.90
N ILE B 93 1.73 12.30 -6.82
CA ILE B 93 2.41 12.47 -5.53
C ILE B 93 3.85 11.93 -5.59
N GLN B 94 4.06 10.71 -6.11
CA GLN B 94 5.34 10.04 -5.94
C GLN B 94 6.41 10.62 -6.85
N VAL B 95 6.03 11.20 -8.00
CA VAL B 95 7.07 11.85 -8.82
C VAL B 95 7.15 13.33 -8.48
N SER B 96 6.31 13.84 -7.55
CA SER B 96 6.25 15.25 -7.13
C SER B 96 5.88 16.22 -8.27
N ALA B 97 4.82 15.90 -9.03
CA ALA B 97 4.32 16.72 -10.15
C ALA B 97 3.68 18.03 -9.69
N VAL B 98 4.51 19.04 -9.42
CA VAL B 98 4.05 20.33 -8.94
C VAL B 98 2.91 20.89 -9.76
N PRO B 99 2.99 20.83 -11.12
CA PRO B 99 1.94 21.41 -11.96
C PRO B 99 0.55 20.87 -11.65
N VAL B 100 0.47 19.57 -11.34
CA VAL B 100 -0.81 18.94 -11.04
C VAL B 100 -1.38 19.54 -9.77
N PHE B 101 -0.53 19.68 -8.74
CA PHE B 101 -0.99 20.17 -7.45
C PHE B 101 -1.22 21.69 -7.41
N GLN B 102 -0.53 22.45 -8.26
CA GLN B 102 -0.87 23.87 -8.43
C GLN B 102 -2.30 24.07 -8.93
N GLN B 103 -2.69 23.23 -9.91
CA GLN B 103 -4.04 23.25 -10.43
C GLN B 103 -5.04 22.88 -9.34
N ILE B 104 -4.73 21.83 -8.56
CA ILE B 104 -5.63 21.44 -7.48
C ILE B 104 -5.82 22.61 -6.49
N ALA B 105 -4.72 23.23 -6.11
CA ALA B 105 -4.73 24.34 -5.16
C ALA B 105 -5.58 25.51 -5.67
N ARG B 106 -5.50 25.79 -6.98
CA ARG B 106 -6.34 26.85 -7.58
C ARG B 106 -7.81 26.54 -7.43
N GLU B 107 -8.21 25.29 -7.71
CA GLU B 107 -9.62 24.92 -7.61
C GLU B 107 -10.06 24.89 -6.14
N VAL B 108 -9.15 24.54 -5.23
CA VAL B 108 -9.51 24.52 -3.81
C VAL B 108 -9.86 25.96 -3.39
N GLY B 109 -8.97 26.87 -3.76
CA GLY B 109 -9.14 28.28 -3.43
C GLY B 109 -8.73 28.63 -1.99
N GLU B 110 -8.53 29.94 -1.76
CA GLU B 110 -7.98 30.50 -0.55
C GLU B 110 -8.86 30.24 0.67
N VAL B 111 -10.17 30.46 0.57
CA VAL B 111 -11.05 30.35 1.72
C VAL B 111 -10.95 28.92 2.28
N ARG B 112 -11.05 27.92 1.39
CA ARG B 112 -11.15 26.52 1.78
C ARG B 112 -9.80 26.02 2.30
N MET B 113 -8.73 26.42 1.61
CA MET B 113 -7.37 26.00 1.94
C MET B 113 -6.97 26.51 3.33
N GLN B 114 -7.29 27.77 3.62
CA GLN B 114 -7.08 28.33 4.95
C GLN B 114 -7.80 27.51 6.01
N LYS B 115 -9.07 27.19 5.75
CA LYS B 115 -9.94 26.52 6.70
C LYS B 115 -9.29 25.18 7.08
N TYR B 116 -8.77 24.45 6.08
CA TYR B 116 -8.21 23.13 6.34
C TYR B 116 -6.87 23.21 7.08
N LEU B 117 -6.00 24.17 6.70
CA LEU B 117 -4.69 24.24 7.32
C LEU B 117 -4.84 24.58 8.80
N LYS B 118 -5.90 25.34 9.13
CA LYS B 118 -6.22 25.62 10.52
CA LYS B 118 -6.26 25.63 10.51
C LYS B 118 -6.70 24.34 11.20
N LYS B 119 -7.60 23.59 10.55
CA LYS B 119 -8.11 22.37 11.15
C LYS B 119 -6.96 21.40 11.38
N PHE B 120 -5.97 21.39 10.50
CA PHE B 120 -4.89 20.42 10.53
C PHE B 120 -3.76 20.87 11.46
N SER B 121 -3.83 22.10 12.01
CA SER B 121 -2.72 22.66 12.78
C SER B 121 -1.43 22.54 11.98
N TYR B 122 -1.48 22.97 10.73
CA TYR B 122 -0.35 22.76 9.85
C TYR B 122 0.58 23.97 9.87
N GLY B 123 1.72 23.83 10.58
CA GLY B 123 2.73 24.88 10.61
C GLY B 123 2.14 26.23 10.99
N ASN B 124 2.65 27.30 10.37
CA ASN B 124 2.22 28.65 10.72
C ASN B 124 0.88 29.01 10.06
N GLN B 125 0.31 28.11 9.22
CA GLN B 125 -1.01 28.24 8.63
C GLN B 125 -1.08 29.50 7.75
N ASN B 126 0.08 29.92 7.22
CA ASN B 126 0.17 31.17 6.48
C ASN B 126 0.24 30.88 4.98
N ILE B 127 -0.87 31.12 4.27
CA ILE B 127 -0.91 30.77 2.85
C ILE B 127 -0.68 31.99 1.94
N SER B 128 -0.10 33.07 2.50
CA SER B 128 0.25 34.27 1.71
C SER B 128 1.31 33.89 0.67
N GLY B 129 1.23 34.58 -0.46
CA GLY B 129 2.21 34.41 -1.52
C GLY B 129 1.60 33.83 -2.81
N GLY B 130 0.25 33.74 -2.88
CA GLY B 130 -0.36 33.25 -4.10
C GLY B 130 -0.81 31.79 -3.98
N ILE B 131 -2.03 31.49 -4.43
CA ILE B 131 -2.77 30.29 -4.02
C ILE B 131 -2.11 29.04 -4.57
N ASP B 132 -1.25 29.21 -5.58
CA ASP B 132 -0.62 28.10 -6.27
C ASP B 132 0.89 28.08 -6.04
N LYS B 133 1.40 28.88 -5.08
CA LYS B 133 2.83 28.85 -4.87
C LYS B 133 3.23 29.05 -3.39
N PHE B 134 2.26 29.17 -2.47
CA PHE B 134 2.61 29.55 -1.10
C PHE B 134 3.48 28.51 -0.40
N TRP B 135 3.39 27.23 -0.81
CA TRP B 135 4.17 26.19 -0.14
C TRP B 135 5.54 26.10 -0.78
N LEU B 136 5.73 26.87 -1.87
CA LEU B 136 6.95 26.74 -2.68
C LEU B 136 7.82 27.99 -2.50
N GLU B 137 7.18 29.16 -2.35
CA GLU B 137 7.97 30.38 -2.17
C GLU B 137 7.25 31.44 -1.35
N GLY B 138 6.12 31.09 -0.70
CA GLY B 138 5.30 32.01 0.06
C GLY B 138 5.67 32.02 1.54
N GLN B 139 4.67 32.22 2.41
CA GLN B 139 4.91 32.53 3.82
C GLN B 139 4.73 31.27 4.68
N LEU B 140 4.44 30.11 4.05
CA LEU B 140 4.17 28.91 4.84
C LEU B 140 5.45 28.29 5.44
N ARG B 141 5.42 27.91 6.73
CA ARG B 141 6.58 27.28 7.35
C ARG B 141 6.08 26.18 8.30
N ILE B 142 6.88 25.11 8.43
CA ILE B 142 6.52 24.00 9.35
C ILE B 142 7.78 23.34 9.88
N SER B 143 7.76 22.85 11.14
CA SER B 143 8.94 22.19 11.71
C SER B 143 8.91 20.66 11.58
N ALA B 144 10.05 20.01 11.82
CA ALA B 144 10.14 18.55 11.87
C ALA B 144 9.17 18.00 12.91
N VAL B 145 9.12 18.60 14.09
CA VAL B 145 8.19 18.12 15.12
C VAL B 145 6.74 18.22 14.65
N ASN B 146 6.36 19.33 13.99
CA ASN B 146 5.00 19.54 13.55
C ASN B 146 4.64 18.50 12.47
N GLN B 147 5.65 18.13 11.66
CA GLN B 147 5.44 17.18 10.54
C GLN B 147 5.09 15.83 11.18
N VAL B 148 5.84 15.42 12.21
CA VAL B 148 5.57 14.13 12.84
C VAL B 148 4.18 14.14 13.52
N GLU B 149 3.78 15.24 14.20
CA GLU B 149 2.45 15.35 14.78
C GLU B 149 1.37 15.16 13.72
N PHE B 150 1.56 15.85 12.59
CA PHE B 150 0.62 15.81 11.48
C PHE B 150 0.48 14.38 10.91
N LEU B 151 1.62 13.70 10.72
CA LEU B 151 1.66 12.36 10.13
C LEU B 151 1.03 11.36 11.10
N GLU B 152 1.22 11.56 12.42
CA GLU B 152 0.57 10.66 13.37
C GLU B 152 -0.95 10.86 13.31
N SER B 153 -1.39 12.12 13.17
CA SER B 153 -2.84 12.32 13.09
C SER B 153 -3.40 11.60 11.86
N LEU B 154 -2.70 11.72 10.72
CA LEU B 154 -3.12 11.05 9.48
C LEU B 154 -3.20 9.53 9.71
N TYR B 155 -2.13 8.94 10.27
CA TYR B 155 -2.08 7.50 10.54
C TYR B 155 -3.32 7.03 11.30
N LEU B 156 -3.72 7.79 12.32
CA LEU B 156 -4.84 7.48 13.21
C LEU B 156 -6.20 7.93 12.67
N ASN B 157 -6.27 8.54 11.47
CA ASN B 157 -7.51 9.09 10.91
C ASN B 157 -8.10 10.17 11.80
N LYS B 158 -7.25 10.90 12.51
CA LYS B 158 -7.75 11.91 13.43
C LYS B 158 -7.77 13.29 12.76
N LEU B 159 -7.31 13.40 11.51
CA LEU B 159 -7.44 14.69 10.83
C LEU B 159 -8.92 15.02 10.56
N SER B 160 -9.24 16.32 10.38
CA SER B 160 -10.61 16.74 10.16
C SER B 160 -10.98 16.52 8.70
N ALA B 161 -11.13 15.24 8.31
CA ALA B 161 -11.39 14.78 6.95
C ALA B 161 -12.00 13.39 7.08
N SER B 162 -12.61 12.85 6.02
CA SER B 162 -13.20 11.53 6.14
C SER B 162 -12.10 10.48 6.28
N LYS B 163 -12.42 9.35 6.93
CA LYS B 163 -11.44 8.27 7.00
CA LYS B 163 -11.48 8.24 7.01
C LYS B 163 -11.14 7.77 5.60
N GLU B 164 -12.17 7.69 4.77
CA GLU B 164 -12.01 7.30 3.38
C GLU B 164 -10.90 8.15 2.72
N ASN B 165 -10.99 9.48 2.84
CA ASN B 165 -9.98 10.31 2.18
C ASN B 165 -8.57 10.15 2.77
N GLN B 166 -8.48 10.06 4.11
CA GLN B 166 -7.22 9.76 4.78
C GLN B 166 -6.61 8.46 4.26
N LEU B 167 -7.42 7.39 4.16
CA LEU B 167 -6.91 6.13 3.64
C LEU B 167 -6.43 6.22 2.19
N ILE B 168 -7.13 7.00 1.36
CA ILE B 168 -6.70 7.14 -0.03
C ILE B 168 -5.28 7.71 -0.09
N VAL B 169 -5.03 8.73 0.76
CA VAL B 169 -3.72 9.35 0.74
C VAL B 169 -2.68 8.43 1.38
N LYS B 170 -3.02 7.76 2.50
CA LYS B 170 -2.13 6.74 3.02
C LYS B 170 -1.65 5.73 1.97
N GLU B 171 -2.63 5.18 1.24
N GLU B 171 -2.51 5.08 1.17
CA GLU B 171 -2.45 4.23 0.14
CA GLU B 171 -1.92 4.13 0.23
C GLU B 171 -1.41 4.77 -0.85
C GLU B 171 -1.11 4.85 -0.84
N ALA B 172 -1.54 6.07 -1.21
CA ALA B 172 -0.75 6.76 -2.22
C ALA B 172 0.71 6.98 -1.75
N LEU B 173 0.91 7.12 -0.42
CA LEU B 173 2.23 7.41 0.14
C LEU B 173 3.12 6.17 0.36
N VAL B 174 2.64 4.95 0.04
CA VAL B 174 3.53 3.79 0.26
C VAL B 174 4.74 3.89 -0.68
N THR B 175 5.94 3.68 -0.15
CA THR B 175 7.16 3.80 -0.95
C THR B 175 8.03 2.55 -0.86
N GLU B 176 7.88 1.71 0.18
CA GLU B 176 8.67 0.49 0.17
C GLU B 176 7.88 -0.60 0.89
N ALA B 177 7.77 -1.77 0.24
CA ALA B 177 7.03 -2.86 0.86
C ALA B 177 7.98 -4.05 1.01
N ALA B 178 8.18 -4.53 2.24
CA ALA B 178 9.00 -5.71 2.48
C ALA B 178 8.18 -6.70 3.30
N PRO B 179 8.57 -7.99 3.40
CA PRO B 179 7.83 -8.93 4.25
C PRO B 179 7.73 -8.49 5.72
N GLU B 180 8.78 -7.83 6.24
CA GLU B 180 8.87 -7.44 7.62
C GLU B 180 8.36 -6.02 7.90
N TYR B 181 8.23 -5.16 6.87
CA TYR B 181 7.91 -3.78 7.19
C TYR B 181 7.34 -3.04 5.98
N LEU B 182 6.67 -1.92 6.23
CA LEU B 182 6.09 -1.12 5.17
C LEU B 182 6.48 0.34 5.46
N VAL B 183 6.98 1.05 4.44
CA VAL B 183 7.38 2.46 4.57
C VAL B 183 6.40 3.32 3.77
N HIS B 184 5.88 4.36 4.42
CA HIS B 184 5.16 5.43 3.73
C HIS B 184 6.01 6.69 3.83
N SER B 185 6.15 7.48 2.73
CA SER B 185 7.09 8.60 2.84
C SER B 185 6.88 9.60 1.69
N LYS B 186 7.45 10.80 1.91
CA LYS B 186 7.39 11.83 0.87
C LYS B 186 8.60 12.73 1.02
N THR B 187 9.23 13.07 -0.12
CA THR B 187 10.36 14.01 -0.15
C THR B 187 9.88 15.43 -0.48
N GLY B 188 10.75 16.39 -0.14
CA GLY B 188 10.57 17.78 -0.54
C GLY B 188 11.92 18.45 -0.75
N TYR B 189 11.94 19.48 -1.60
CA TYR B 189 13.18 20.22 -1.78
C TYR B 189 12.81 21.67 -2.06
N SER B 190 13.12 22.56 -1.10
CA SER B 190 12.78 23.98 -1.16
C SER B 190 13.96 24.70 -1.78
N THR B 191 13.78 25.25 -2.98
CA THR B 191 14.96 25.72 -3.69
C THR B 191 14.73 27.10 -4.29
N ARG B 192 13.55 27.71 -4.06
CA ARG B 192 13.20 28.96 -4.70
C ARG B 192 13.65 30.13 -3.83
N ILE B 193 13.69 29.93 -2.50
CA ILE B 193 14.05 30.93 -1.51
C ILE B 193 15.13 30.34 -0.61
N GLU B 194 16.05 31.20 -0.14
CA GLU B 194 17.11 30.82 0.79
C GLU B 194 16.52 30.68 2.20
N PRO B 195 17.03 29.77 3.06
CA PRO B 195 18.04 28.78 2.66
C PRO B 195 17.42 27.54 2.01
N LYS B 196 18.22 26.80 1.23
CA LYS B 196 17.73 25.64 0.48
C LYS B 196 17.61 24.42 1.39
N ILE B 197 16.40 23.82 1.46
CA ILE B 197 16.08 22.78 2.42
C ILE B 197 15.58 21.51 1.70
N GLY B 198 16.16 20.38 2.06
CA GLY B 198 15.62 19.09 1.63
C GLY B 198 14.92 18.36 2.79
N TRP B 199 13.74 17.78 2.53
CA TRP B 199 12.92 17.09 3.52
C TRP B 199 12.78 15.60 3.17
N TRP B 200 12.68 14.72 4.18
CA TRP B 200 12.08 13.39 3.97
C TRP B 200 11.27 13.05 5.22
N VAL B 201 9.98 12.78 5.04
CA VAL B 201 9.06 12.60 6.16
C VAL B 201 8.25 11.34 5.87
N GLY B 202 7.79 10.67 6.95
CA GLY B 202 6.97 9.48 6.69
C GLY B 202 6.81 8.65 7.96
N TRP B 203 6.57 7.34 7.77
CA TRP B 203 6.48 6.43 8.90
C TRP B 203 6.76 5.01 8.44
N VAL B 204 7.19 4.17 9.40
CA VAL B 204 7.52 2.79 9.14
C VAL B 204 6.67 1.91 10.07
N GLU B 205 6.07 0.87 9.48
CA GLU B 205 5.31 -0.07 10.29
C GLU B 205 6.11 -1.37 10.34
N LYS B 206 6.40 -1.86 11.54
CA LYS B 206 7.23 -3.04 11.68
C LYS B 206 6.73 -3.84 12.88
N GLU B 207 6.59 -5.18 12.74
CA GLU B 207 5.94 -5.96 13.78
C GLU B 207 4.60 -5.29 14.13
N THR B 208 4.36 -4.98 15.41
CA THR B 208 3.14 -4.24 15.76
C THR B 208 3.47 -2.81 16.24
N GLU B 209 4.65 -2.31 15.89
CA GLU B 209 5.12 -0.96 16.24
C GLU B 209 4.97 -0.04 15.02
N VAL B 210 4.92 1.27 15.27
CA VAL B 210 4.87 2.26 14.17
C VAL B 210 5.87 3.36 14.56
N TYR B 211 6.74 3.77 13.61
CA TYR B 211 7.74 4.78 13.88
C TYR B 211 7.48 5.95 12.95
N PHE B 212 7.21 7.13 13.49
CA PHE B 212 7.03 8.31 12.65
C PHE B 212 8.35 9.06 12.54
N PHE B 213 8.63 9.68 11.36
CA PHE B 213 9.95 10.30 11.21
C PHE B 213 9.83 11.59 10.38
N ALA B 214 10.71 12.54 10.72
CA ALA B 214 10.86 13.71 9.84
C ALA B 214 12.34 14.11 9.79
N PHE B 215 12.84 14.41 8.58
CA PHE B 215 14.23 14.77 8.40
C PHE B 215 14.31 16.03 7.55
N ASN B 216 15.16 16.99 7.94
CA ASN B 216 15.47 18.08 7.00
C ASN B 216 16.95 18.44 7.11
N MET B 217 17.47 19.06 6.03
CA MET B 217 18.87 19.45 5.99
C MET B 217 19.01 20.63 5.02
N ASP B 218 20.07 21.42 5.28
CA ASP B 218 20.54 22.45 4.36
C ASP B 218 21.14 21.77 3.14
N ILE B 219 20.72 22.19 1.93
CA ILE B 219 21.23 21.60 0.70
C ILE B 219 22.13 22.61 0.00
N ASP B 220 23.43 22.28 -0.05
CA ASP B 220 24.41 23.13 -0.71
C ASP B 220 24.19 23.11 -2.21
N ASN B 221 24.27 21.92 -2.82
CA ASN B 221 24.00 21.75 -4.24
C ASN B 221 23.28 20.43 -4.48
N GLU B 222 22.79 20.25 -5.72
CA GLU B 222 21.96 19.11 -6.09
C GLU B 222 22.67 17.79 -5.78
N SER B 223 24.00 17.83 -5.64
CA SER B 223 24.77 16.61 -5.44
C SER B 223 24.57 16.06 -4.02
N LYS B 224 23.97 16.85 -3.13
CA LYS B 224 23.78 16.44 -1.75
C LYS B 224 22.41 15.79 -1.54
N LEU B 225 21.50 15.98 -2.50
CA LEU B 225 20.12 15.55 -2.38
C LEU B 225 19.94 14.10 -1.89
N PRO B 226 20.72 13.08 -2.33
CA PRO B 226 20.54 11.73 -1.78
C PRO B 226 20.75 11.53 -0.29
N LEU B 227 21.55 12.42 0.33
CA LEU B 227 21.73 12.35 1.78
C LEU B 227 20.39 12.54 2.50
N ARG B 228 19.46 13.28 1.89
CA ARG B 228 18.07 13.40 2.36
C ARG B 228 17.49 12.05 2.74
N LYS B 229 17.79 11.00 1.94
CA LYS B 229 17.22 9.72 2.30
C LYS B 229 18.28 8.89 3.03
N SER B 230 19.55 9.07 2.66
CA SER B 230 20.53 8.09 3.08
C SER B 230 20.96 8.27 4.54
N ILE B 231 21.00 9.53 5.03
CA ILE B 231 21.27 9.75 6.45
C ILE B 231 20.15 9.14 7.32
N PRO B 232 18.86 9.51 7.15
CA PRO B 232 17.80 8.89 7.96
C PRO B 232 17.71 7.36 7.82
N THR B 233 17.98 6.85 6.60
CA THR B 233 17.94 5.41 6.40
C THR B 233 19.01 4.72 7.26
N LYS B 234 20.26 5.19 7.17
CA LYS B 234 21.37 4.76 7.99
C LYS B 234 21.02 4.80 9.49
N ILE B 235 20.37 5.88 9.95
CA ILE B 235 19.97 5.94 11.35
C ILE B 235 18.96 4.84 11.66
N MET B 236 17.95 4.71 10.80
CA MET B 236 16.92 3.72 11.04
C MET B 236 17.49 2.30 10.95
N GLU B 237 18.53 2.11 10.12
CA GLU B 237 19.17 0.80 10.04
CA GLU B 237 19.23 0.82 10.02
C GLU B 237 19.92 0.50 11.33
N SER B 238 20.73 1.46 11.80
CA SER B 238 21.46 1.35 13.05
C SER B 238 20.55 1.07 14.25
N GLU B 239 19.28 1.52 14.20
CA GLU B 239 18.29 1.29 15.25
C GLU B 239 17.55 -0.03 15.04
N GLY B 240 17.90 -0.77 13.97
CA GLY B 240 17.37 -2.09 13.72
C GLY B 240 15.92 -2.07 13.21
N ILE B 241 15.49 -0.92 12.68
CA ILE B 241 14.12 -0.73 12.22
C ILE B 241 13.95 -1.20 10.78
N ILE B 242 14.85 -0.82 9.86
CA ILE B 242 14.66 -1.18 8.46
C ILE B 242 15.88 -1.98 8.00
#